data_5W7J
#
_entry.id   5W7J
#
_cell.length_a   87.736
_cell.length_b   87.736
_cell.length_c   128.007
_cell.angle_alpha   90.00
_cell.angle_beta   90.00
_cell.angle_gamma   120.00
#
_symmetry.space_group_name_H-M   'P 64'
#
loop_
_entity.id
_entity.type
_entity.pdbx_description
1 polymer 'Palmitoyltransferase ZDHHC17'
2 polymer Snap25b-111-120
3 water water
#
loop_
_entity_poly.entity_id
_entity_poly.type
_entity_poly.pdbx_seq_one_letter_code
_entity_poly.pdbx_strand_id
1 'polypeptide(L)'
;GPHMKTHIDDYSTWDIVKATQYGIYERCRELVEAGYDVRQPDKANVTLLHWAAINNRIDLVKYYISKGAIVDQLGGDLNS
TPLHWATRQGHLSMVVQLMKYGADPSLIDGEGCSCIHLAAQFGHTSIVAYLIAKGQDVDMMDQNGMTPLMWAAYRTHSVD
PTRLLLTFNVSVNLGDKYHKNTALHWAVLAGNTTVISLLLEAGANVDAQNIKGESALDLAKQRKNVWMINHLQEARQAK
;
A,C
2 'polypeptide(L)' GVVASQPARV B,D
#
# COMPACT_ATOMS: atom_id res chain seq x y z
N ILE A 8 -2.77 -12.11 -25.63
CA ILE A 8 -1.86 -11.21 -24.93
C ILE A 8 -2.35 -9.75 -24.99
N ASP A 9 -2.65 -9.19 -23.82
CA ASP A 9 -3.14 -7.81 -23.69
C ASP A 9 -1.95 -6.85 -23.75
N ASP A 10 -1.98 -5.94 -24.73
CA ASP A 10 -0.90 -4.97 -24.94
C ASP A 10 -1.22 -3.57 -24.45
N TYR A 11 -2.39 -3.36 -23.84
CA TYR A 11 -2.89 -2.12 -23.23
C TYR A 11 -3.36 -1.09 -24.26
N SER A 12 -3.37 -1.39 -25.56
CA SER A 12 -3.81 -0.41 -26.54
C SER A 12 -5.31 -0.12 -26.46
N THR A 13 -6.08 -0.95 -25.77
CA THR A 13 -7.50 -0.72 -25.57
C THR A 13 -7.85 -0.20 -24.18
N TRP A 14 -6.87 -0.05 -23.29
CA TRP A 14 -7.15 0.44 -21.94
C TRP A 14 -7.47 1.93 -21.96
N ASP A 15 -8.44 2.33 -21.14
CA ASP A 15 -8.75 3.75 -21.01
C ASP A 15 -7.72 4.45 -20.11
N ILE A 16 -7.77 5.79 -20.12
CA ILE A 16 -6.72 6.60 -19.49
C ILE A 16 -6.66 6.38 -17.99
N VAL A 17 -7.81 6.21 -17.33
CA VAL A 17 -7.80 6.04 -15.89
C VAL A 17 -7.11 4.73 -15.53
N LYS A 18 -7.55 3.62 -16.15
CA LYS A 18 -6.98 2.33 -15.84
C LYS A 18 -5.49 2.30 -16.18
N ALA A 19 -5.10 2.98 -17.25
CA ALA A 19 -3.68 2.97 -17.60
C ALA A 19 -2.86 3.81 -16.62
N THR A 20 -3.49 4.81 -16.00
CA THR A 20 -2.79 5.58 -14.98
C THR A 20 -2.59 4.76 -13.72
N GLN A 21 -3.68 4.15 -13.23
CA GLN A 21 -3.61 3.29 -12.04
C GLN A 21 -2.49 2.26 -12.15
N TYR A 22 -2.36 1.63 -13.31
CA TYR A 22 -1.37 0.59 -13.52
C TYR A 22 -0.01 1.14 -13.94
N GLY A 23 0.11 2.44 -14.14
CA GLY A 23 1.36 3.09 -14.49
C GLY A 23 1.82 2.86 -15.91
N ILE A 24 0.91 2.54 -16.84
CA ILE A 24 1.29 2.24 -18.21
C ILE A 24 1.61 3.53 -18.94
N TYR A 25 2.88 3.98 -18.83
CA TYR A 25 3.25 5.36 -19.15
C TYR A 25 2.93 5.72 -20.61
N GLU A 26 3.37 4.89 -21.55
CA GLU A 26 3.23 5.26 -22.96
C GLU A 26 1.77 5.31 -23.39
N ARG A 27 0.93 4.42 -22.85
CA ARG A 27 -0.49 4.47 -23.14
C ARG A 27 -1.09 5.80 -22.70
N CYS A 28 -0.76 6.24 -21.49
CA CYS A 28 -1.27 7.52 -21.00
C CYS A 28 -0.81 8.67 -21.87
N ARG A 29 0.46 8.68 -22.26
CA ARG A 29 1.02 9.77 -23.05
C ARG A 29 0.34 9.85 -24.41
N GLU A 30 0.14 8.71 -25.08
CA GLU A 30 -0.50 8.75 -26.39
C GLU A 30 -1.94 9.23 -26.29
N LEU A 31 -2.68 8.85 -25.23
CA LEU A 31 -4.05 9.34 -25.10
C LEU A 31 -4.08 10.85 -24.84
N VAL A 32 -3.14 11.36 -24.03
CA VAL A 32 -3.09 12.80 -23.77
C VAL A 32 -2.78 13.56 -25.05
N GLU A 33 -1.84 13.04 -25.84
CA GLU A 33 -1.49 13.71 -27.10
C GLU A 33 -2.59 13.57 -28.15
N ALA A 34 -3.42 12.53 -28.06
CA ALA A 34 -4.59 12.39 -28.92
C ALA A 34 -5.74 13.29 -28.50
N GLY A 35 -5.59 14.05 -27.43
CA GLY A 35 -6.60 15.02 -27.04
C GLY A 35 -7.18 14.88 -25.64
N TYR A 36 -6.78 13.92 -24.81
CA TYR A 36 -7.39 13.82 -23.48
C TYR A 36 -6.82 14.93 -22.57
N ASP A 37 -7.71 15.76 -22.04
CA ASP A 37 -7.32 16.86 -21.16
C ASP A 37 -6.87 16.32 -19.81
N VAL A 38 -5.63 16.61 -19.40
CA VAL A 38 -5.14 16.10 -18.13
C VAL A 38 -5.90 16.67 -16.95
N ARG A 39 -6.59 17.80 -17.12
CA ARG A 39 -7.42 18.39 -16.07
C ARG A 39 -8.83 17.85 -16.02
N GLN A 40 -9.24 17.08 -17.00
CA GLN A 40 -10.64 16.65 -17.08
C GLN A 40 -10.90 15.55 -16.06
N PRO A 41 -11.77 15.76 -15.08
CA PRO A 41 -12.07 14.71 -14.11
C PRO A 41 -12.88 13.58 -14.74
N ASP A 42 -12.83 12.42 -14.09
CA ASP A 42 -13.70 11.33 -14.49
C ASP A 42 -15.08 11.48 -13.86
N LYS A 43 -15.95 10.49 -14.08
CA LYS A 43 -17.32 10.58 -13.57
C LYS A 43 -17.38 10.60 -12.04
N ALA A 44 -16.31 10.19 -11.36
CA ALA A 44 -16.27 10.25 -9.90
C ALA A 44 -15.69 11.57 -9.38
N ASN A 45 -15.54 12.57 -10.25
CA ASN A 45 -14.88 13.84 -9.94
C ASN A 45 -13.46 13.63 -9.40
N VAL A 46 -12.72 12.71 -10.02
CA VAL A 46 -11.36 12.40 -9.62
C VAL A 46 -10.46 12.69 -10.81
N THR A 47 -9.37 13.41 -10.58
CA THR A 47 -8.48 13.76 -11.66
C THR A 47 -7.41 12.69 -11.84
N LEU A 48 -6.75 12.72 -13.01
CA LEU A 48 -5.70 11.76 -13.29
C LEU A 48 -4.57 11.86 -12.26
N LEU A 49 -4.23 13.08 -11.83
CA LEU A 49 -3.19 13.24 -10.83
C LEU A 49 -3.50 12.41 -9.59
N HIS A 50 -4.77 12.38 -9.18
CA HIS A 50 -5.18 11.60 -8.00
C HIS A 50 -4.79 10.15 -8.15
N TRP A 51 -5.15 9.54 -9.28
CA TRP A 51 -4.88 8.12 -9.50
C TRP A 51 -3.38 7.87 -9.59
N ALA A 52 -2.63 8.78 -10.21
CA ALA A 52 -1.19 8.59 -10.27
C ALA A 52 -0.58 8.67 -8.89
N ALA A 53 -1.07 9.60 -8.07
CA ALA A 53 -0.53 9.81 -6.73
C ALA A 53 -0.80 8.60 -5.83
N ILE A 54 -2.03 8.09 -5.80
CA ILE A 54 -2.36 6.99 -4.89
C ILE A 54 -1.73 5.68 -5.32
N ASN A 55 -1.32 5.54 -6.58
CA ASN A 55 -0.57 4.37 -7.02
C ASN A 55 0.92 4.63 -7.16
N ASN A 56 1.43 5.72 -6.58
CA ASN A 56 2.86 6.01 -6.53
C ASN A 56 3.51 6.10 -7.93
N ARG A 57 2.79 6.62 -8.91
CA ARG A 57 3.34 6.69 -10.27
C ARG A 57 4.14 7.98 -10.43
N ILE A 58 5.38 7.94 -9.94
CA ILE A 58 6.23 9.14 -9.88
C ILE A 58 6.33 9.80 -11.24
N ASP A 59 6.63 9.01 -12.27
CA ASP A 59 6.91 9.58 -13.59
C ASP A 59 5.63 10.11 -14.23
N LEU A 60 4.53 9.38 -14.12
CA LEU A 60 3.24 9.91 -14.56
C LEU A 60 2.93 11.20 -13.85
N VAL A 61 3.30 11.33 -12.58
CA VAL A 61 2.98 12.56 -11.87
C VAL A 61 3.76 13.74 -12.46
N LYS A 62 5.06 13.56 -12.74
CA LYS A 62 5.81 14.62 -13.41
C LYS A 62 5.15 15.00 -14.73
N TYR A 63 4.81 13.99 -15.53
CA TYR A 63 4.28 14.24 -16.87
C TYR A 63 2.98 15.00 -16.80
N TYR A 64 2.03 14.53 -15.97
CA TYR A 64 0.73 15.19 -15.90
C TYR A 64 0.87 16.64 -15.43
N ILE A 65 1.79 16.88 -14.50
CA ILE A 65 1.98 18.23 -13.98
C ILE A 65 2.60 19.12 -15.03
N SER A 66 3.57 18.59 -15.79
CA SER A 66 4.16 19.34 -16.88
C SER A 66 3.14 19.63 -17.97
N LYS A 67 2.09 18.83 -18.07
CA LYS A 67 0.99 19.16 -18.97
C LYS A 67 -0.02 20.12 -18.36
N GLY A 68 0.24 20.68 -17.18
CA GLY A 68 -0.70 21.63 -16.57
C GLY A 68 -1.72 21.05 -15.62
N ALA A 69 -1.55 19.82 -15.12
CA ALA A 69 -2.46 19.29 -14.13
C ALA A 69 -2.40 20.14 -12.86
N ILE A 70 -3.55 20.43 -12.28
CA ILE A 70 -3.61 21.24 -11.07
C ILE A 70 -3.16 20.39 -9.88
N VAL A 71 -2.12 20.85 -9.19
CA VAL A 71 -1.41 19.99 -8.23
C VAL A 71 -2.28 19.68 -7.02
N ASP A 72 -3.04 20.66 -6.51
CA ASP A 72 -3.83 20.51 -5.29
C ASP A 72 -5.33 20.54 -5.59
N GLN A 73 -5.74 20.07 -6.76
CA GLN A 73 -7.14 20.07 -7.14
C GLN A 73 -7.95 19.12 -6.24
N LEU A 74 -9.00 19.63 -5.60
CA LEU A 74 -9.89 18.77 -4.83
C LEU A 74 -10.67 17.85 -5.75
N GLY A 75 -10.88 16.61 -5.30
CA GLY A 75 -11.68 15.66 -6.07
C GLY A 75 -12.11 14.51 -5.18
N GLY A 76 -12.98 13.66 -5.75
CA GLY A 76 -13.52 12.53 -5.04
C GLY A 76 -14.59 12.91 -4.04
N ASP A 77 -15.25 11.88 -3.49
CA ASP A 77 -16.28 12.07 -2.48
C ASP A 77 -15.73 12.68 -1.19
N LEU A 78 -14.47 12.41 -0.85
CA LEU A 78 -13.92 12.99 0.36
C LEU A 78 -13.32 14.37 0.10
N ASN A 79 -13.36 14.85 -1.14
CA ASN A 79 -12.97 16.21 -1.49
C ASN A 79 -11.53 16.50 -1.06
N SER A 80 -10.60 15.80 -1.71
CA SER A 80 -9.20 15.75 -1.30
C SER A 80 -8.29 16.06 -2.47
N THR A 81 -7.11 16.54 -2.13
CA THR A 81 -6.02 16.76 -3.07
C THR A 81 -5.35 15.43 -3.42
N PRO A 82 -4.57 15.40 -4.50
CA PRO A 82 -3.76 14.20 -4.77
C PRO A 82 -2.78 13.87 -3.66
N LEU A 83 -2.20 14.88 -3.01
CA LEU A 83 -1.31 14.63 -1.89
C LEU A 83 -2.04 13.97 -0.72
N HIS A 84 -3.29 14.36 -0.47
CA HIS A 84 -4.08 13.64 0.53
C HIS A 84 -4.14 12.16 0.21
N TRP A 85 -4.42 11.85 -1.07
CA TRP A 85 -4.56 10.46 -1.48
C TRP A 85 -3.25 9.70 -1.26
N ALA A 86 -2.14 10.27 -1.72
CA ALA A 86 -0.83 9.66 -1.50
C ALA A 86 -0.57 9.44 -0.01
N THR A 87 -0.93 10.40 0.84
CA THR A 87 -0.71 10.29 2.28
C THR A 87 -1.55 9.17 2.89
N ARG A 88 -2.84 9.11 2.52
CA ARG A 88 -3.70 8.03 2.99
C ARG A 88 -3.12 6.68 2.65
N GLN A 89 -2.55 6.55 1.46
CA GLN A 89 -2.06 5.27 0.99
C GLN A 89 -0.69 4.92 1.53
N GLY A 90 0.10 5.90 1.94
CA GLY A 90 1.38 5.62 2.55
C GLY A 90 2.59 5.72 1.65
N HIS A 91 2.54 6.50 0.58
CA HIS A 91 3.65 6.59 -0.37
C HIS A 91 4.52 7.80 -0.01
N LEU A 92 5.56 7.55 0.79
CA LEU A 92 6.46 8.63 1.18
C LEU A 92 7.11 9.27 -0.04
N SER A 93 7.60 8.46 -0.96
CA SER A 93 8.22 8.99 -2.16
C SER A 93 7.28 9.93 -2.90
N MET A 94 6.00 9.57 -2.97
CA MET A 94 5.03 10.42 -3.64
C MET A 94 4.75 11.69 -2.83
N VAL A 95 4.71 11.58 -1.51
CA VAL A 95 4.48 12.76 -0.68
C VAL A 95 5.63 13.75 -0.87
N VAL A 96 6.87 13.27 -0.84
CA VAL A 96 8.02 14.12 -1.08
C VAL A 96 7.92 14.74 -2.47
N GLN A 97 7.62 13.92 -3.48
CA GLN A 97 7.57 14.40 -4.85
C GLN A 97 6.49 15.47 -5.01
N LEU A 98 5.28 15.22 -4.51
CA LEU A 98 4.22 16.21 -4.63
C LEU A 98 4.54 17.49 -3.86
N MET A 99 5.18 17.37 -2.71
CA MET A 99 5.48 18.60 -1.99
C MET A 99 6.58 19.40 -2.68
N LYS A 100 7.46 18.73 -3.44
CA LYS A 100 8.47 19.46 -4.21
C LYS A 100 7.85 20.30 -5.31
N TYR A 101 6.75 19.85 -5.92
CA TYR A 101 6.02 20.63 -6.91
C TYR A 101 5.01 21.59 -6.28
N GLY A 102 5.05 21.78 -4.95
CA GLY A 102 4.25 22.80 -4.31
C GLY A 102 2.96 22.35 -3.66
N ALA A 103 2.68 21.06 -3.59
CA ALA A 103 1.49 20.59 -2.89
C ALA A 103 1.52 21.04 -1.43
N ASP A 104 0.35 21.43 -0.92
CA ASP A 104 0.26 22.03 0.40
C ASP A 104 -0.19 21.01 1.44
N PRO A 105 0.70 20.53 2.32
CA PRO A 105 0.31 19.49 3.29
C PRO A 105 -0.72 19.96 4.31
N SER A 106 -0.93 21.27 4.45
CA SER A 106 -1.85 21.79 5.45
C SER A 106 -3.28 21.90 4.93
N LEU A 107 -3.52 21.66 3.65
CA LEU A 107 -4.89 21.72 3.16
C LEU A 107 -5.72 20.63 3.85
N ILE A 108 -6.98 20.93 4.07
CA ILE A 108 -7.85 19.99 4.76
C ILE A 108 -8.77 19.37 3.73
N ASP A 109 -9.14 18.12 3.98
CA ASP A 109 -10.05 17.37 3.13
C ASP A 109 -11.46 17.48 3.69
N GLY A 110 -12.39 16.75 3.08
CA GLY A 110 -13.79 16.81 3.49
C GLY A 110 -14.12 16.11 4.79
N GLU A 111 -13.14 15.46 5.41
CA GLU A 111 -13.32 14.93 6.76
C GLU A 111 -12.65 15.84 7.80
N GLY A 112 -12.13 16.99 7.39
CA GLY A 112 -11.51 17.92 8.31
C GLY A 112 -10.03 17.75 8.54
N CYS A 113 -9.38 16.84 7.82
CA CYS A 113 -8.01 16.41 8.12
C CYS A 113 -7.00 17.02 7.15
N SER A 114 -5.87 17.49 7.70
CA SER A 114 -4.74 17.76 6.83
C SER A 114 -3.83 16.53 6.81
N CYS A 115 -2.69 16.65 6.12
CA CYS A 115 -1.91 15.46 5.78
C CYS A 115 -1.33 14.78 7.01
N ILE A 116 -0.85 15.55 7.98
CA ILE A 116 -0.26 14.95 9.16
C ILE A 116 -1.31 14.15 9.93
N HIS A 117 -2.58 14.56 9.87
CA HIS A 117 -3.60 13.78 10.56
C HIS A 117 -3.88 12.50 9.81
N LEU A 118 -3.88 12.57 8.48
CA LEU A 118 -4.11 11.38 7.68
C LEU A 118 -2.99 10.37 7.87
N ALA A 119 -1.74 10.84 7.89
CA ALA A 119 -0.61 9.95 8.11
C ALA A 119 -0.67 9.33 9.50
N ALA A 120 -1.12 10.08 10.50
CA ALA A 120 -1.22 9.56 11.86
C ALA A 120 -2.29 8.49 11.96
N GLN A 121 -3.45 8.74 11.36
CA GLN A 121 -4.55 7.82 11.59
C GLN A 121 -4.42 6.53 10.78
N PHE A 122 -3.59 6.50 9.74
CA PHE A 122 -3.34 5.26 9.01
C PHE A 122 -1.98 4.65 9.31
N GLY A 123 -1.29 5.10 10.37
CA GLY A 123 -0.09 4.42 10.83
C GLY A 123 1.14 4.64 9.99
N HIS A 124 1.16 5.64 9.11
CA HIS A 124 2.30 5.86 8.21
C HIS A 124 3.36 6.68 8.96
N THR A 125 4.16 5.98 9.76
CA THR A 125 5.08 6.63 10.69
C THR A 125 6.14 7.47 9.97
N SER A 126 6.67 6.98 8.84
CA SER A 126 7.73 7.75 8.20
C SER A 126 7.18 9.00 7.51
N ILE A 127 5.91 9.00 7.15
CA ILE A 127 5.33 10.22 6.61
C ILE A 127 5.07 11.22 7.71
N VAL A 128 4.62 10.76 8.89
CA VAL A 128 4.48 11.67 10.02
C VAL A 128 5.83 12.31 10.32
N ALA A 129 6.89 11.50 10.45
CA ALA A 129 8.22 12.05 10.71
C ALA A 129 8.63 13.04 9.63
N TYR A 130 8.28 12.76 8.38
CA TYR A 130 8.71 13.63 7.31
C TYR A 130 8.01 14.98 7.38
N LEU A 131 6.69 14.97 7.62
CA LEU A 131 5.96 16.22 7.74
C LEU A 131 6.47 17.04 8.92
N ILE A 132 6.80 16.40 10.04
CA ILE A 132 7.37 17.15 11.16
C ILE A 132 8.74 17.69 10.78
N ALA A 133 9.56 16.89 10.08
CA ALA A 133 10.85 17.36 9.63
C ALA A 133 10.74 18.54 8.69
N LYS A 134 9.64 18.63 7.93
CA LYS A 134 9.41 19.73 7.01
C LYS A 134 8.69 20.89 7.67
N GLY A 135 8.50 20.88 8.98
CA GLY A 135 8.02 22.05 9.69
C GLY A 135 6.61 21.97 10.22
N GLN A 136 5.79 21.02 9.76
CA GLN A 136 4.45 20.89 10.31
C GLN A 136 4.51 20.67 11.82
N ASP A 137 3.64 21.36 12.54
CA ASP A 137 3.65 21.30 14.00
C ASP A 137 3.14 19.96 14.49
N VAL A 138 3.88 19.34 15.43
CA VAL A 138 3.48 18.02 15.90
C VAL A 138 2.08 18.04 16.51
N ASP A 139 1.67 19.16 17.12
CA ASP A 139 0.36 19.24 17.76
C ASP A 139 -0.67 19.97 16.91
N MET A 140 -0.45 20.06 15.60
CA MET A 140 -1.41 20.70 14.73
C MET A 140 -2.80 20.12 14.91
N MET A 141 -3.77 21.00 15.09
CA MET A 141 -5.16 20.59 15.22
C MET A 141 -5.80 20.56 13.84
N ASP A 142 -6.67 19.59 13.63
CA ASP A 142 -7.46 19.55 12.40
C ASP A 142 -8.79 20.25 12.67
N GLN A 143 -9.71 20.22 11.71
CA GLN A 143 -10.96 20.95 11.85
C GLN A 143 -11.83 20.41 12.97
N ASN A 144 -11.55 19.21 13.48
CA ASN A 144 -12.32 18.64 14.59
C ASN A 144 -11.60 18.77 15.92
N GLY A 145 -10.48 19.50 15.98
CA GLY A 145 -9.71 19.63 17.18
C GLY A 145 -8.86 18.42 17.52
N MET A 146 -8.71 17.46 16.60
CA MET A 146 -7.86 16.30 16.83
C MET A 146 -6.41 16.63 16.52
N THR A 147 -5.51 16.16 17.37
CA THR A 147 -4.08 16.20 17.09
C THR A 147 -3.66 14.89 16.44
N PRO A 148 -2.46 14.85 15.85
CA PRO A 148 -1.99 13.54 15.38
C PRO A 148 -1.89 12.53 16.49
N LEU A 149 -1.52 12.96 17.70
CA LEU A 149 -1.42 12.03 18.81
C LEU A 149 -2.78 11.45 19.18
N MET A 150 -3.84 12.27 19.11
CA MET A 150 -5.17 11.73 19.38
C MET A 150 -5.58 10.72 18.30
N TRP A 151 -5.36 11.09 17.04
CA TRP A 151 -5.67 10.16 15.95
C TRP A 151 -4.91 8.86 16.12
N ALA A 152 -3.64 8.94 16.52
CA ALA A 152 -2.85 7.74 16.71
C ALA A 152 -3.43 6.88 17.83
N ALA A 153 -3.80 7.52 18.94
CA ALA A 153 -4.39 6.80 20.06
C ALA A 153 -5.69 6.12 19.64
N TYR A 154 -6.47 6.79 18.81
CA TYR A 154 -7.78 6.31 18.45
C TYR A 154 -7.72 5.22 17.40
N ARG A 155 -6.75 5.28 16.47
CA ARG A 155 -6.82 4.45 15.27
C ARG A 155 -5.62 3.56 14.99
N THR A 156 -4.49 3.73 15.68
CA THR A 156 -3.30 2.92 15.40
C THR A 156 -2.96 2.10 16.65
N HIS A 157 -3.28 0.81 16.61
CA HIS A 157 -3.12 -0.08 17.76
C HIS A 157 -1.79 -0.79 17.61
N SER A 158 -0.75 -0.02 17.91
CA SER A 158 0.61 -0.31 17.53
C SER A 158 1.51 0.67 18.26
N VAL A 159 2.80 0.36 18.31
CA VAL A 159 3.71 1.22 19.04
C VAL A 159 3.90 2.54 18.29
N ASP A 160 4.12 2.46 16.96
CA ASP A 160 4.22 3.67 16.16
C ASP A 160 2.92 3.91 15.40
N PRO A 161 2.58 5.15 15.05
CA PRO A 161 3.39 6.37 15.20
C PRO A 161 3.36 7.03 16.58
N THR A 162 2.71 6.42 17.58
CA THR A 162 2.61 7.06 18.88
C THR A 162 3.98 7.28 19.50
N ARG A 163 4.82 6.25 19.55
CA ARG A 163 6.18 6.42 20.08
C ARG A 163 6.92 7.56 19.38
N LEU A 164 6.81 7.66 18.06
CA LEU A 164 7.49 8.73 17.34
C LEU A 164 6.98 10.09 17.78
N LEU A 165 5.66 10.26 17.88
CA LEU A 165 5.13 11.58 18.26
C LEU A 165 5.61 11.99 19.65
N LEU A 166 5.77 11.03 20.57
CA LEU A 166 6.16 11.39 21.92
C LEU A 166 7.66 11.72 22.03
N THR A 167 8.46 11.45 21.00
CA THR A 167 9.83 11.94 20.99
C THR A 167 9.91 13.46 20.81
N PHE A 168 8.81 14.12 20.49
CA PHE A 168 8.77 15.57 20.30
C PHE A 168 8.10 16.23 21.50
N ASN A 169 8.29 17.55 21.60
CA ASN A 169 7.70 18.30 22.71
C ASN A 169 6.20 18.42 22.55
N VAL A 170 5.53 17.28 22.56
CA VAL A 170 4.08 17.21 22.49
C VAL A 170 3.49 17.64 23.84
N SER A 171 2.25 18.15 23.80
CA SER A 171 1.54 18.58 25.01
C SER A 171 0.50 17.50 25.32
N VAL A 172 0.93 16.49 26.09
CA VAL A 172 0.21 15.24 26.18
C VAL A 172 -1.21 15.38 26.72
N ASN A 173 -1.57 16.52 27.29
CA ASN A 173 -2.86 16.59 27.98
C ASN A 173 -3.89 17.50 27.32
N LEU A 174 -3.65 17.95 26.07
CA LEU A 174 -4.70 18.66 25.33
C LEU A 174 -5.88 17.74 25.05
N GLY A 175 -7.07 18.33 24.97
CA GLY A 175 -8.28 17.58 24.64
C GLY A 175 -8.82 18.10 23.33
N ASP A 176 -9.50 17.21 22.58
CA ASP A 176 -10.01 17.69 21.32
C ASP A 176 -11.06 18.78 21.55
N LYS A 177 -11.41 19.48 20.47
CA LYS A 177 -12.16 20.72 20.65
C LYS A 177 -13.60 20.45 21.09
N TYR A 178 -14.23 19.41 20.55
CA TYR A 178 -15.67 19.24 20.75
C TYR A 178 -16.03 18.13 21.74
N HIS A 179 -15.04 17.40 22.26
CA HIS A 179 -15.27 16.45 23.36
C HIS A 179 -14.37 16.71 24.55
N LYS A 180 -13.26 17.44 24.39
CA LYS A 180 -12.19 17.55 25.38
C LYS A 180 -11.63 16.19 25.80
N ASN A 181 -11.62 15.22 24.87
CA ASN A 181 -10.96 13.94 25.10
C ASN A 181 -9.46 14.08 24.88
N THR A 182 -8.67 13.71 25.90
CA THR A 182 -7.23 13.69 25.65
C THR A 182 -6.88 12.44 24.85
N ALA A 183 -5.62 12.39 24.42
CA ALA A 183 -5.12 11.19 23.76
C ALA A 183 -5.40 9.97 24.61
N LEU A 184 -5.19 10.08 25.92
CA LEU A 184 -5.43 8.95 26.81
C LEU A 184 -6.89 8.52 26.79
N HIS A 185 -7.80 9.50 26.91
CA HIS A 185 -9.24 9.25 26.74
C HIS A 185 -9.51 8.45 25.47
N TRP A 186 -8.93 8.90 24.35
CA TRP A 186 -9.17 8.23 23.07
C TRP A 186 -8.63 6.81 23.08
N ALA A 187 -7.40 6.63 23.57
CA ALA A 187 -6.83 5.29 23.69
C ALA A 187 -7.72 4.39 24.55
N VAL A 188 -8.30 4.94 25.62
CA VAL A 188 -9.13 4.12 26.50
C VAL A 188 -10.45 3.77 25.82
N LEU A 189 -11.07 4.77 25.17
CA LEU A 189 -12.30 4.54 24.42
C LEU A 189 -12.13 3.43 23.42
N ALA A 190 -10.98 3.42 22.74
CA ALA A 190 -10.69 2.48 21.66
C ALA A 190 -10.14 1.16 22.16
N GLY A 191 -9.83 1.05 23.44
CA GLY A 191 -9.18 -0.17 23.92
C GLY A 191 -7.79 -0.35 23.36
N ASN A 192 -7.09 0.75 23.10
CA ASN A 192 -5.76 0.70 22.48
C ASN A 192 -4.71 0.51 23.58
N THR A 193 -4.54 -0.76 23.98
CA THR A 193 -3.71 -1.05 25.16
C THR A 193 -2.23 -0.78 24.90
N THR A 194 -1.76 -0.99 23.67
CA THR A 194 -0.38 -0.63 23.35
C THR A 194 -0.11 0.84 23.66
N VAL A 195 -1.03 1.73 23.26
CA VAL A 195 -0.79 3.16 23.36
C VAL A 195 -0.98 3.67 24.80
N ILE A 196 -1.83 3.03 25.59
CA ILE A 196 -2.09 3.49 26.96
C ILE A 196 -0.80 3.55 27.76
N SER A 197 0.01 2.49 27.71
CA SER A 197 1.25 2.47 28.49
C SER A 197 2.22 3.55 28.04
N LEU A 198 2.29 3.80 26.74
CA LEU A 198 3.18 4.84 26.24
C LEU A 198 2.77 6.22 26.72
N LEU A 199 1.45 6.48 26.78
CA LEU A 199 0.98 7.81 27.17
C LEU A 199 1.14 8.02 28.68
N LEU A 200 0.91 6.98 29.47
CA LEU A 200 1.17 7.05 30.91
C LEU A 200 2.65 7.30 31.17
N GLU A 201 3.53 6.50 30.55
CA GLU A 201 4.96 6.74 30.62
C GLU A 201 5.34 8.14 30.16
N ALA A 202 4.53 8.77 29.29
CA ALA A 202 4.81 10.12 28.82
C ALA A 202 4.14 11.21 29.64
N GLY A 203 3.37 10.86 30.66
CA GLY A 203 2.81 11.85 31.56
C GLY A 203 1.32 12.15 31.41
N ALA A 204 0.56 11.30 30.71
CA ALA A 204 -0.87 11.53 30.59
C ALA A 204 -1.53 11.56 31.97
N ASN A 205 -2.30 12.61 32.25
CA ASN A 205 -3.02 12.68 33.52
C ASN A 205 -4.29 11.85 33.44
N VAL A 206 -4.41 10.86 34.35
CA VAL A 206 -5.56 9.93 34.29
C VAL A 206 -6.84 10.52 34.84
N ASP A 207 -6.78 11.68 35.51
CA ASP A 207 -7.96 12.27 36.10
C ASP A 207 -8.54 13.43 35.29
N ALA A 208 -7.79 14.00 34.36
CA ALA A 208 -8.26 15.12 33.54
C ALA A 208 -9.59 14.77 32.90
N GLN A 209 -10.59 15.61 33.12
CA GLN A 209 -11.95 15.29 32.70
C GLN A 209 -12.26 15.93 31.33
N ASN A 210 -13.12 15.26 30.57
CA ASN A 210 -13.54 15.74 29.27
C ASN A 210 -14.80 16.60 29.45
N ILE A 211 -15.51 16.87 28.35
CA ILE A 211 -16.63 17.80 28.36
C ILE A 211 -17.83 17.24 29.10
N LYS A 212 -17.92 15.91 29.23
CA LYS A 212 -18.93 15.24 30.04
C LYS A 212 -18.46 14.98 31.46
N GLY A 213 -17.31 15.51 31.86
CA GLY A 213 -16.82 15.34 33.22
C GLY A 213 -16.17 14.01 33.53
N GLU A 214 -16.08 13.10 32.56
CA GLU A 214 -15.43 11.81 32.74
C GLU A 214 -13.92 11.92 32.56
N SER A 215 -13.17 11.38 33.50
CA SER A 215 -11.73 11.21 33.31
C SER A 215 -11.44 9.96 32.47
N ALA A 216 -10.19 9.82 32.05
CA ALA A 216 -9.80 8.60 31.36
C ALA A 216 -10.02 7.38 32.26
N LEU A 217 -9.69 7.50 33.55
CA LEU A 217 -9.93 6.41 34.47
C LEU A 217 -11.42 6.14 34.62
N ASP A 218 -12.25 7.19 34.52
CA ASP A 218 -13.70 6.96 34.51
C ASP A 218 -14.10 6.10 33.31
N LEU A 219 -13.56 6.39 32.13
CA LEU A 219 -13.91 5.63 30.94
C LEU A 219 -13.46 4.17 31.06
N ALA A 220 -12.30 3.94 31.68
CA ALA A 220 -11.83 2.58 31.89
C ALA A 220 -12.76 1.82 32.80
N LYS A 221 -13.22 2.45 33.88
CA LYS A 221 -14.15 1.81 34.78
C LYS A 221 -15.45 1.46 34.06
N GLN A 222 -15.96 2.40 33.25
CA GLN A 222 -17.19 2.15 32.51
C GLN A 222 -17.12 0.89 31.66
N ARG A 223 -15.94 0.58 31.10
CA ARG A 223 -15.78 -0.56 30.22
C ARG A 223 -15.45 -1.85 30.96
N LYS A 224 -15.33 -1.79 32.29
CA LYS A 224 -15.10 -2.97 33.12
C LYS A 224 -13.88 -3.75 32.66
N ASN A 225 -12.82 -3.03 32.30
CA ASN A 225 -11.57 -3.63 31.83
C ASN A 225 -10.56 -3.53 32.97
N VAL A 226 -10.31 -4.64 33.67
CA VAL A 226 -9.48 -4.60 34.85
C VAL A 226 -8.04 -4.22 34.50
N TRP A 227 -7.54 -4.70 33.35
CA TRP A 227 -6.18 -4.34 32.96
C TRP A 227 -6.04 -2.82 32.81
N MET A 228 -7.01 -2.18 32.17
CA MET A 228 -6.93 -0.74 31.98
C MET A 228 -7.17 0.01 33.29
N ILE A 229 -8.09 -0.48 34.13
CA ILE A 229 -8.30 0.19 35.40
C ILE A 229 -7.06 0.06 36.27
N ASN A 230 -6.43 -1.12 36.26
CA ASN A 230 -5.26 -1.32 37.10
C ASN A 230 -4.11 -0.44 36.66
N HIS A 231 -3.79 -0.46 35.37
CA HIS A 231 -2.67 0.30 34.83
C HIS A 231 -2.84 1.79 35.10
N LEU A 232 -4.06 2.31 34.91
CA LEU A 232 -4.32 3.73 35.10
C LEU A 232 -4.23 4.12 36.57
N GLN A 233 -4.74 3.25 37.46
CA GLN A 233 -4.69 3.57 38.89
C GLN A 233 -3.26 3.56 39.40
N GLU A 234 -2.46 2.58 38.98
CA GLU A 234 -1.08 2.53 39.41
C GLU A 234 -0.25 3.71 38.90
N ALA A 235 -0.74 4.48 37.92
CA ALA A 235 -0.03 5.67 37.47
C ALA A 235 -0.57 6.95 38.11
N ARG A 236 -1.41 6.85 39.14
CA ARG A 236 -1.97 8.04 39.77
C ARG A 236 -1.16 8.46 41.00
N GLY B 1 -2.30 -5.81 -5.55
CA GLY B 1 -3.03 -4.99 -6.51
C GLY B 1 -2.72 -3.50 -6.48
N VAL B 2 -3.20 -2.82 -7.51
CA VAL B 2 -3.14 -1.38 -7.65
C VAL B 2 -4.38 -0.80 -6.97
N VAL B 3 -4.42 0.51 -6.76
CA VAL B 3 -5.56 1.16 -6.11
C VAL B 3 -6.50 1.65 -7.21
N ALA B 4 -7.68 1.04 -7.31
CA ALA B 4 -8.64 1.44 -8.32
C ALA B 4 -9.97 1.87 -7.73
N SER B 5 -10.00 2.15 -6.43
CA SER B 5 -11.16 2.70 -5.76
C SER B 5 -10.76 3.93 -4.96
N GLN B 6 -11.60 4.94 -4.97
CA GLN B 6 -11.26 6.17 -4.26
C GLN B 6 -11.36 5.96 -2.76
N PRO B 7 -10.58 6.72 -1.97
CA PRO B 7 -10.72 6.63 -0.51
C PRO B 7 -12.14 6.96 -0.08
N ALA B 8 -12.61 6.24 0.93
CA ALA B 8 -13.99 6.32 1.40
C ALA B 8 -14.06 6.53 2.90
N ARG B 9 -15.24 6.97 3.36
CA ARG B 9 -15.51 7.09 4.79
C ARG B 9 -15.22 5.77 5.47
N VAL B 10 -14.72 5.83 6.69
CA VAL B 10 -14.44 4.60 7.42
C VAL B 10 -15.74 3.82 7.67
N ILE C 8 -19.33 8.98 19.08
CA ILE C 8 -18.02 8.40 18.84
C ILE C 8 -18.11 6.88 18.66
N ASP C 9 -17.48 6.36 17.61
CA ASP C 9 -17.51 4.92 17.38
C ASP C 9 -16.36 4.30 18.16
N ASP C 10 -16.68 3.40 19.08
CA ASP C 10 -15.67 2.81 19.94
C ASP C 10 -15.29 1.39 19.51
N TYR C 11 -15.74 0.97 18.32
CA TYR C 11 -15.46 -0.31 17.64
C TYR C 11 -16.21 -1.48 18.27
N SER C 12 -16.98 -1.27 19.33
CA SER C 12 -17.60 -2.38 20.06
C SER C 12 -18.61 -3.17 19.24
N THR C 13 -19.07 -2.67 18.09
CA THR C 13 -20.03 -3.41 17.28
C THR C 13 -19.44 -3.95 15.99
N TRP C 14 -18.12 -3.82 15.78
CA TRP C 14 -17.53 -4.13 14.49
C TRP C 14 -17.42 -5.64 14.27
N ASP C 15 -17.69 -6.07 13.03
CA ASP C 15 -17.45 -7.45 12.64
C ASP C 15 -15.97 -7.81 12.78
N ILE C 16 -15.69 -9.11 12.95
CA ILE C 16 -14.31 -9.56 13.13
C ILE C 16 -13.47 -9.17 11.91
N VAL C 17 -14.05 -9.26 10.70
CA VAL C 17 -13.31 -8.93 9.49
C VAL C 17 -12.92 -7.45 9.47
N LYS C 18 -13.89 -6.56 9.74
CA LYS C 18 -13.59 -5.13 9.72
C LYS C 18 -12.58 -4.76 10.79
N ALA C 19 -12.75 -5.30 12.01
CA ALA C 19 -11.79 -5.04 13.07
C ALA C 19 -10.42 -5.60 12.75
N THR C 20 -10.35 -6.69 11.98
CA THR C 20 -9.04 -7.20 11.60
C THR C 20 -8.41 -6.31 10.54
N GLN C 21 -9.19 -5.88 9.55
CA GLN C 21 -8.68 -5.01 8.50
C GLN C 21 -8.08 -3.74 9.09
N TYR C 22 -8.73 -3.16 10.09
CA TYR C 22 -8.25 -1.94 10.73
C TYR C 22 -7.26 -2.18 11.86
N GLY C 23 -6.94 -3.43 12.16
CA GLY C 23 -6.05 -3.76 13.28
C GLY C 23 -6.58 -3.37 14.65
N ILE C 24 -7.88 -3.49 14.88
CA ILE C 24 -8.47 -3.15 16.19
C ILE C 24 -8.29 -4.38 17.07
N TYR C 25 -7.14 -4.44 17.75
CA TYR C 25 -6.66 -5.69 18.34
C TYR C 25 -7.61 -6.21 19.43
N GLU C 26 -7.98 -5.37 20.41
CA GLU C 26 -8.81 -5.85 21.51
C GLU C 26 -10.19 -6.28 21.04
N ARG C 27 -10.72 -5.65 19.98
CA ARG C 27 -12.02 -6.07 19.49
C ARG C 27 -11.94 -7.44 18.82
N CYS C 28 -10.82 -7.76 18.17
CA CYS C 28 -10.65 -9.10 17.61
C CYS C 28 -10.43 -10.15 18.70
N ARG C 29 -9.73 -9.76 19.78
CA ARG C 29 -9.55 -10.67 20.91
C ARG C 29 -10.88 -10.96 21.59
N GLU C 30 -11.69 -9.93 21.81
CA GLU C 30 -13.06 -10.09 22.29
C GLU C 30 -13.79 -11.18 21.52
N LEU C 31 -13.95 -10.97 20.21
CA LEU C 31 -14.76 -11.84 19.38
C LEU C 31 -14.20 -13.25 19.27
N VAL C 32 -12.90 -13.44 19.50
CA VAL C 32 -12.35 -14.79 19.44
C VAL C 32 -12.62 -15.53 20.74
N GLU C 33 -12.39 -14.87 21.88
CA GLU C 33 -12.72 -15.50 23.16
C GLU C 33 -14.22 -15.78 23.29
N ALA C 34 -15.07 -14.98 22.65
CA ALA C 34 -16.50 -15.25 22.63
C ALA C 34 -16.88 -16.32 21.61
N GLY C 35 -15.91 -17.00 20.99
CA GLY C 35 -16.19 -18.21 20.24
C GLY C 35 -15.97 -18.15 18.73
N TYR C 36 -15.43 -17.08 18.17
CA TYR C 36 -15.17 -17.08 16.73
C TYR C 36 -13.92 -17.91 16.45
N ASP C 37 -14.09 -18.97 15.66
CA ASP C 37 -12.99 -19.86 15.28
C ASP C 37 -12.11 -19.13 14.26
N VAL C 38 -10.83 -18.90 14.62
CA VAL C 38 -9.95 -18.17 13.73
C VAL C 38 -9.73 -18.90 12.42
N ARG C 39 -10.02 -20.21 12.37
CA ARG C 39 -9.90 -20.96 11.12
C ARG C 39 -11.13 -20.83 10.21
N GLN C 40 -12.20 -20.22 10.66
CA GLN C 40 -13.43 -20.31 9.89
C GLN C 40 -13.41 -19.28 8.77
N PRO C 41 -13.54 -19.70 7.52
CA PRO C 41 -13.60 -18.71 6.43
C PRO C 41 -14.87 -17.87 6.53
N ASP C 42 -14.78 -16.65 6.01
CA ASP C 42 -15.97 -15.85 5.84
C ASP C 42 -16.72 -16.32 4.59
N LYS C 43 -17.76 -15.60 4.19
CA LYS C 43 -18.59 -16.04 3.07
C LYS C 43 -17.87 -15.91 1.73
N ALA C 44 -16.74 -15.22 1.65
CA ALA C 44 -15.90 -15.18 0.45
C ALA C 44 -14.79 -16.24 0.45
N ASN C 45 -14.79 -17.16 1.42
CA ASN C 45 -13.77 -18.19 1.59
C ASN C 45 -12.40 -17.59 1.89
N VAL C 46 -12.37 -16.56 2.73
CA VAL C 46 -11.15 -15.86 3.08
C VAL C 46 -10.96 -15.98 4.59
N THR C 47 -9.76 -16.34 5.01
CA THR C 47 -9.52 -16.46 6.44
C THR C 47 -9.10 -15.13 7.04
N LEU C 48 -9.19 -15.04 8.37
CA LEU C 48 -8.79 -13.80 9.05
C LEU C 48 -7.31 -13.53 8.87
N LEU C 49 -6.50 -14.59 8.78
CA LEU C 49 -5.08 -14.41 8.51
C LEU C 49 -4.86 -13.69 7.17
N HIS C 50 -5.71 -13.95 6.17
CA HIS C 50 -5.62 -13.22 4.90
C HIS C 50 -5.82 -11.73 5.13
N TRP C 51 -6.92 -11.36 5.79
CA TRP C 51 -7.24 -9.94 6.00
C TRP C 51 -6.17 -9.24 6.80
N ALA C 52 -5.59 -9.92 7.78
CA ALA C 52 -4.54 -9.33 8.59
C ALA C 52 -3.25 -9.20 7.80
N ALA C 53 -2.91 -10.22 7.01
CA ALA C 53 -1.72 -10.16 6.17
C ALA C 53 -1.77 -8.97 5.22
N ILE C 54 -2.86 -8.86 4.45
CA ILE C 54 -2.97 -7.84 3.42
C ILE C 54 -3.07 -6.45 4.00
N ASN C 55 -3.29 -6.32 5.31
CA ASN C 55 -3.29 -5.02 5.98
C ASN C 55 -2.09 -4.81 6.91
N ASN C 56 -1.07 -5.66 6.84
CA ASN C 56 0.16 -5.49 7.63
C ASN C 56 -0.10 -5.50 9.14
N ARG C 57 -1.09 -6.28 9.61
CA ARG C 57 -1.42 -6.32 11.04
C ARG C 57 -0.57 -7.41 11.70
N ILE C 58 0.67 -7.02 12.04
CA ILE C 58 1.64 -7.99 12.54
C ILE C 58 1.14 -8.63 13.81
N ASP C 59 0.70 -7.81 14.78
CA ASP C 59 0.25 -8.34 16.06
C ASP C 59 -0.96 -9.25 15.89
N LEU C 60 -1.88 -8.88 14.99
CA LEU C 60 -3.03 -9.75 14.74
C LEU C 60 -2.59 -11.08 14.15
N VAL C 61 -1.58 -11.07 13.27
CA VAL C 61 -1.09 -12.30 12.67
C VAL C 61 -0.46 -13.19 13.75
N LYS C 62 0.34 -12.59 14.64
CA LYS C 62 0.93 -13.40 15.72
C LYS C 62 -0.15 -14.00 16.60
N TYR C 63 -1.17 -13.21 16.94
CA TYR C 63 -2.26 -13.69 17.76
C TYR C 63 -3.02 -14.82 17.08
N TYR C 64 -3.45 -14.60 15.84
CA TYR C 64 -4.20 -15.62 15.13
C TYR C 64 -3.36 -16.87 14.92
N ILE C 65 -2.04 -16.71 14.78
CA ILE C 65 -1.20 -17.89 14.65
C ILE C 65 -1.20 -18.67 15.96
N SER C 66 -1.16 -17.97 17.09
N SER C 66 -1.16 -17.96 17.09
CA SER C 66 -1.21 -18.64 18.38
CA SER C 66 -1.21 -18.63 18.39
C SER C 66 -2.52 -19.39 18.58
C SER C 66 -2.52 -19.39 18.58
N LYS C 67 -3.62 -18.89 18.03
CA LYS C 67 -4.91 -19.56 18.15
C LYS C 67 -5.09 -20.70 17.16
N GLY C 68 -4.05 -21.07 16.42
CA GLY C 68 -4.12 -22.21 15.53
C GLY C 68 -4.41 -21.95 14.06
N ALA C 69 -4.38 -20.69 13.61
CA ALA C 69 -4.64 -20.40 12.20
C ALA C 69 -3.64 -21.13 11.30
N ILE C 70 -4.10 -21.56 10.13
CA ILE C 70 -3.26 -22.29 9.19
C ILE C 70 -2.55 -21.26 8.32
N VAL C 71 -1.21 -21.25 8.37
CA VAL C 71 -0.44 -20.12 7.85
C VAL C 71 -0.58 -20.00 6.33
N ASP C 72 -0.58 -21.14 5.64
CA ASP C 72 -0.62 -21.21 4.18
C ASP C 72 -2.00 -21.63 3.64
N GLN C 73 -3.06 -21.45 4.41
CA GLN C 73 -4.39 -21.84 3.95
C GLN C 73 -4.79 -21.05 2.71
N LEU C 74 -5.14 -21.75 1.64
CA LEU C 74 -5.64 -21.10 0.45
C LEU C 74 -7.02 -20.51 0.70
N GLY C 75 -7.35 -19.49 -0.08
CA GLY C 75 -8.58 -18.76 0.13
C GLY C 75 -8.80 -17.74 -0.96
N GLY C 76 -10.04 -17.22 -0.99
CA GLY C 76 -10.43 -16.19 -1.93
C GLY C 76 -10.66 -16.72 -3.33
N ASP C 77 -11.14 -15.82 -4.20
CA ASP C 77 -11.39 -16.20 -5.59
C ASP C 77 -10.11 -16.48 -6.36
N LEU C 78 -8.99 -15.85 -5.99
CA LEU C 78 -7.74 -16.20 -6.64
C LEU C 78 -7.02 -17.37 -5.96
N ASN C 79 -7.60 -17.96 -4.92
CA ASN C 79 -7.09 -19.20 -4.36
C ASN C 79 -5.61 -19.07 -3.96
N SER C 80 -5.35 -18.15 -3.01
CA SER C 80 -3.99 -17.77 -2.66
C SER C 80 -3.79 -17.90 -1.16
N THR C 81 -2.51 -17.94 -0.75
CA THR C 81 -2.17 -17.93 0.66
C THR C 81 -2.16 -16.50 1.21
N PRO C 82 -2.18 -16.35 2.54
CA PRO C 82 -1.99 -15.01 3.11
C PRO C 82 -0.68 -14.39 2.73
N LEU C 83 0.38 -15.19 2.60
CA LEU C 83 1.65 -14.67 2.11
C LEU C 83 1.47 -14.11 0.69
N HIS C 84 0.69 -14.78 -0.14
CA HIS C 84 0.40 -14.24 -1.47
C HIS C 84 -0.28 -12.89 -1.37
N TRP C 85 -1.22 -12.75 -0.43
CA TRP C 85 -1.91 -11.48 -0.30
C TRP C 85 -0.96 -10.38 0.17
N ALA C 86 -0.10 -10.71 1.12
CA ALA C 86 0.87 -9.73 1.63
C ALA C 86 1.85 -9.33 0.54
N THR C 87 2.30 -10.29 -0.27
CA THR C 87 3.20 -9.97 -1.38
C THR C 87 2.54 -9.05 -2.40
N ARG C 88 1.30 -9.34 -2.79
CA ARG C 88 0.61 -8.48 -3.75
C ARG C 88 0.51 -7.05 -3.23
N GLN C 89 0.32 -6.89 -1.94
CA GLN C 89 0.13 -5.55 -1.40
C GLN C 89 1.45 -4.87 -1.04
N GLY C 90 2.60 -5.55 -1.16
CA GLY C 90 3.87 -4.89 -0.93
C GLY C 90 4.29 -4.74 0.52
N HIS C 91 3.85 -5.62 1.42
CA HIS C 91 4.16 -5.48 2.86
C HIS C 91 5.38 -6.35 3.18
N LEU C 92 6.57 -5.75 3.11
CA LEU C 92 7.79 -6.51 3.34
C LEU C 92 7.82 -7.10 4.75
N SER C 93 7.39 -6.32 5.75
CA SER C 93 7.46 -6.83 7.12
C SER C 93 6.51 -8.00 7.33
N MET C 94 5.35 -7.99 6.67
CA MET C 94 4.42 -9.11 6.75
C MET C 94 4.99 -10.33 6.04
N VAL C 95 5.56 -10.15 4.86
CA VAL C 95 6.30 -11.24 4.21
C VAL C 95 7.29 -11.86 5.18
N VAL C 96 8.06 -11.01 5.87
CA VAL C 96 9.08 -11.51 6.80
C VAL C 96 8.41 -12.28 7.94
N GLN C 97 7.36 -11.71 8.53
CA GLN C 97 6.73 -12.35 9.67
C GLN C 97 6.09 -13.67 9.29
N LEU C 98 5.39 -13.72 8.16
CA LEU C 98 4.72 -14.94 7.76
C LEU C 98 5.72 -16.05 7.47
N MET C 99 6.88 -15.71 6.90
CA MET C 99 7.86 -16.75 6.57
C MET C 99 8.53 -17.32 7.81
N LYS C 100 8.64 -16.55 8.90
CA LYS C 100 9.08 -17.08 10.20
C LYS C 100 8.14 -18.14 10.72
N TYR C 101 6.89 -18.12 10.27
CA TYR C 101 5.88 -19.09 10.61
C TYR C 101 5.79 -20.24 9.62
N GLY C 102 6.72 -20.33 8.68
CA GLY C 102 6.70 -21.45 7.75
C GLY C 102 5.96 -21.19 6.45
N ALA C 103 5.42 -19.99 6.24
CA ALA C 103 4.82 -19.66 4.95
C ALA C 103 5.81 -19.96 3.84
N ASP C 104 5.31 -20.58 2.77
CA ASP C 104 6.12 -21.06 1.67
C ASP C 104 5.98 -20.08 0.51
N PRO C 105 7.01 -19.28 0.18
CA PRO C 105 6.86 -18.31 -0.92
C PRO C 105 6.79 -18.94 -2.29
N SER C 106 7.12 -20.22 -2.42
CA SER C 106 7.12 -20.89 -3.71
C SER C 106 5.78 -21.47 -4.09
N LEU C 107 4.78 -21.41 -3.20
CA LEU C 107 3.46 -21.93 -3.55
C LEU C 107 2.87 -21.13 -4.71
N ILE C 108 1.99 -21.78 -5.45
CA ILE C 108 1.40 -21.23 -6.66
C ILE C 108 -0.01 -20.78 -6.37
N ASP C 109 -0.37 -19.59 -6.84
CA ASP C 109 -1.70 -19.05 -6.59
C ASP C 109 -2.62 -19.39 -7.76
N GLY C 110 -3.88 -18.99 -7.65
CA GLY C 110 -4.84 -19.31 -8.70
C GLY C 110 -4.53 -18.69 -10.05
N GLU C 111 -3.67 -17.68 -10.12
CA GLU C 111 -3.26 -17.09 -11.39
C GLU C 111 -1.94 -17.65 -11.89
N GLY C 112 -1.42 -18.70 -11.24
CA GLY C 112 -0.22 -19.38 -11.68
C GLY C 112 1.09 -18.82 -11.18
N CYS C 113 1.06 -17.89 -10.24
CA CYS C 113 2.24 -17.15 -9.80
C CYS C 113 2.64 -17.53 -8.39
N SER C 114 3.95 -17.58 -8.15
CA SER C 114 4.49 -17.68 -6.80
C SER C 114 4.78 -16.27 -6.30
N CYS C 115 5.38 -16.16 -5.13
CA CYS C 115 5.53 -14.85 -4.50
C CYS C 115 6.47 -13.94 -5.29
N ILE C 116 7.57 -14.51 -5.82
CA ILE C 116 8.51 -13.65 -6.52
C ILE C 116 7.89 -13.05 -7.79
N HIS C 117 6.96 -13.78 -8.42
CA HIS C 117 6.27 -13.25 -9.59
C HIS C 117 5.27 -12.16 -9.22
N LEU C 118 4.55 -12.34 -8.11
CA LEU C 118 3.64 -11.30 -7.69
C LEU C 118 4.41 -10.04 -7.28
N ALA C 119 5.55 -10.22 -6.61
CA ALA C 119 6.34 -9.08 -6.22
C ALA C 119 6.91 -8.36 -7.43
N ALA C 120 7.33 -9.12 -8.46
CA ALA C 120 7.84 -8.49 -9.67
C ALA C 120 6.75 -7.71 -10.40
N GLN C 121 5.60 -8.34 -10.62
CA GLN C 121 4.59 -7.71 -11.46
C GLN C 121 3.92 -6.52 -10.80
N PHE C 122 3.94 -6.43 -9.48
CA PHE C 122 3.36 -5.26 -8.83
C PHE C 122 4.42 -4.25 -8.38
N GLY C 123 5.68 -4.46 -8.76
CA GLY C 123 6.73 -3.46 -8.56
C GLY C 123 7.34 -3.40 -7.18
N HIS C 124 7.18 -4.45 -6.38
CA HIS C 124 7.64 -4.39 -4.98
C HIS C 124 9.09 -4.87 -4.89
N THR C 125 9.99 -3.93 -5.18
CA THR C 125 11.39 -4.24 -5.33
C THR C 125 12.02 -4.81 -4.06
N SER C 126 11.63 -4.27 -2.90
CA SER C 126 12.25 -4.70 -1.66
C SER C 126 11.87 -6.14 -1.34
N ILE C 127 10.67 -6.58 -1.77
CA ILE C 127 10.24 -7.95 -1.57
C ILE C 127 10.92 -8.88 -2.56
N VAL C 128 11.00 -8.49 -3.83
CA VAL C 128 11.83 -9.24 -4.78
C VAL C 128 13.21 -9.47 -4.18
N ALA C 129 13.81 -8.42 -3.63
CA ALA C 129 15.15 -8.56 -3.05
C ALA C 129 15.15 -9.54 -1.89
N TYR C 130 14.18 -9.42 -0.97
CA TYR C 130 14.14 -10.30 0.19
C TYR C 130 14.00 -11.75 -0.24
N LEU C 131 13.04 -12.04 -1.12
CA LEU C 131 12.83 -13.41 -1.58
C LEU C 131 14.11 -13.99 -2.18
N ILE C 132 14.83 -13.20 -2.96
CA ILE C 132 16.08 -13.69 -3.55
C ILE C 132 17.10 -13.98 -2.46
N ALA C 133 17.23 -13.08 -1.47
CA ALA C 133 18.07 -13.35 -0.32
C ALA C 133 17.65 -14.60 0.44
N LYS C 134 16.37 -14.96 0.40
CA LYS C 134 15.88 -16.14 1.10
C LYS C 134 15.94 -17.40 0.24
N GLY C 135 16.41 -17.29 -1.01
CA GLY C 135 16.69 -18.44 -1.83
C GLY C 135 15.74 -18.71 -3.00
N GLN C 136 14.82 -17.82 -3.31
CA GLN C 136 14.02 -18.04 -4.50
C GLN C 136 14.90 -17.86 -5.74
N ASP C 137 14.56 -18.57 -6.81
CA ASP C 137 15.33 -18.51 -8.03
C ASP C 137 14.99 -17.23 -8.79
N VAL C 138 16.00 -16.40 -9.06
CA VAL C 138 15.75 -15.18 -9.80
C VAL C 138 15.15 -15.46 -11.18
N ASP C 139 15.37 -16.67 -11.71
CA ASP C 139 14.88 -17.09 -13.02
C ASP C 139 13.67 -18.01 -12.94
N MET C 140 13.04 -18.13 -11.77
CA MET C 140 12.01 -19.14 -11.58
C MET C 140 10.82 -18.86 -12.48
N MET C 141 10.39 -19.87 -13.23
CA MET C 141 9.23 -19.73 -14.09
C MET C 141 7.94 -20.05 -13.34
N ASP C 142 6.88 -19.32 -13.69
CA ASP C 142 5.57 -19.60 -13.10
C ASP C 142 4.79 -20.55 -14.01
N GLN C 143 3.55 -20.86 -13.62
CA GLN C 143 2.78 -21.83 -14.40
C GLN C 143 2.35 -21.31 -15.75
N ASN C 144 2.60 -20.03 -16.03
CA ASN C 144 2.46 -19.47 -17.36
C ASN C 144 3.77 -19.48 -18.14
N GLY C 145 4.87 -19.91 -17.53
CA GLY C 145 6.16 -19.83 -18.16
C GLY C 145 6.86 -18.49 -18.11
N MET C 146 6.46 -17.58 -17.22
CA MET C 146 7.04 -16.24 -17.11
C MET C 146 8.10 -16.19 -16.01
N THR C 147 9.23 -15.56 -16.30
CA THR C 147 10.21 -15.30 -15.25
C THR C 147 9.84 -14.03 -14.50
N PRO C 148 10.47 -13.76 -13.36
CA PRO C 148 10.34 -12.42 -12.76
C PRO C 148 10.70 -11.29 -13.71
N LEU C 149 11.77 -11.48 -14.51
CA LEU C 149 12.19 -10.44 -15.44
C LEU C 149 11.13 -10.15 -16.49
N MET C 150 10.48 -11.20 -17.02
CA MET C 150 9.41 -11.01 -18.00
C MET C 150 8.22 -10.26 -17.40
N TRP C 151 7.85 -10.60 -16.16
CA TRP C 151 6.73 -9.89 -15.54
C TRP C 151 7.04 -8.42 -15.34
N ALA C 152 8.29 -8.11 -14.98
CA ALA C 152 8.67 -6.72 -14.74
C ALA C 152 8.61 -5.94 -16.04
N ALA C 153 9.12 -6.53 -17.11
CA ALA C 153 9.05 -5.92 -18.43
C ALA C 153 7.62 -5.69 -18.86
N TYR C 154 6.74 -6.65 -18.55
CA TYR C 154 5.35 -6.54 -18.99
C TYR C 154 4.62 -5.47 -18.20
N ARG C 155 4.76 -5.48 -16.86
CA ARG C 155 3.86 -4.72 -16.00
C ARG C 155 4.49 -3.62 -15.14
N THR C 156 5.81 -3.54 -14.99
CA THR C 156 6.40 -2.46 -14.19
C THR C 156 7.12 -1.50 -15.12
N HIS C 157 6.45 -0.39 -15.44
CA HIS C 157 7.03 0.60 -16.37
C HIS C 157 7.84 1.61 -15.57
N SER C 158 9.01 1.16 -15.14
CA SER C 158 9.88 1.84 -14.21
C SER C 158 11.21 1.11 -14.21
N VAL C 159 12.24 1.75 -13.68
CA VAL C 159 13.56 1.14 -13.73
C VAL C 159 13.62 -0.07 -12.81
N ASP C 160 12.88 -0.03 -11.69
CA ASP C 160 12.83 -1.15 -10.76
C ASP C 160 11.44 -1.79 -10.77
N PRO C 161 11.35 -3.11 -10.56
CA PRO C 161 12.41 -4.01 -10.13
C PRO C 161 13.33 -4.57 -11.23
N THR C 162 13.23 -4.09 -12.47
CA THR C 162 14.08 -4.64 -13.53
C THR C 162 15.55 -4.44 -13.21
N ARG C 163 15.93 -3.23 -12.80
CA ARG C 163 17.34 -2.97 -12.55
C ARG C 163 17.89 -3.86 -11.44
N LEU C 164 17.08 -4.12 -10.41
CA LEU C 164 17.51 -5.04 -9.36
C LEU C 164 17.73 -6.44 -9.92
N LEU C 165 16.76 -6.96 -10.69
CA LEU C 165 16.90 -8.31 -11.24
C LEU C 165 18.15 -8.44 -12.09
N LEU C 166 18.44 -7.45 -12.92
CA LEU C 166 19.63 -7.49 -13.77
C LEU C 166 20.92 -7.51 -12.94
N THR C 167 20.90 -6.92 -11.76
CA THR C 167 22.03 -6.99 -10.85
C THR C 167 22.29 -8.42 -10.41
N PHE C 168 21.24 -9.24 -10.43
CA PHE C 168 21.33 -10.60 -9.94
C PHE C 168 21.60 -11.60 -11.04
N ASN C 169 22.10 -11.14 -12.20
CA ASN C 169 22.58 -12.06 -13.24
C ASN C 169 21.47 -12.99 -13.73
N VAL C 170 20.24 -12.45 -13.85
CA VAL C 170 19.17 -13.19 -14.52
C VAL C 170 19.60 -13.51 -15.95
N SER C 171 18.92 -14.46 -16.56
CA SER C 171 19.15 -14.80 -17.95
C SER C 171 18.28 -13.92 -18.83
N VAL C 172 18.91 -12.96 -19.51
CA VAL C 172 18.15 -11.91 -20.17
C VAL C 172 17.48 -12.39 -21.45
N ASN C 173 18.07 -13.35 -22.16
CA ASN C 173 17.59 -13.71 -23.47
C ASN C 173 16.78 -15.00 -23.48
N LEU C 174 16.39 -15.47 -22.31
CA LEU C 174 15.49 -16.60 -22.17
C LEU C 174 14.07 -16.20 -22.58
N GLY C 175 13.36 -17.14 -23.22
CA GLY C 175 12.00 -16.91 -23.69
C GLY C 175 10.98 -17.68 -22.86
N ASP C 176 9.75 -17.16 -22.82
CA ASP C 176 8.75 -17.83 -22.01
C ASP C 176 8.35 -19.17 -22.64
N LYS C 177 7.73 -20.02 -21.83
CA LYS C 177 7.52 -21.41 -22.22
C LYS C 177 6.63 -21.53 -23.46
N TYR C 178 5.54 -20.76 -23.51
CA TYR C 178 4.47 -20.96 -24.49
C TYR C 178 4.53 -19.98 -25.66
N HIS C 179 5.33 -18.93 -25.58
CA HIS C 179 5.52 -17.99 -26.68
C HIS C 179 6.97 -17.83 -27.11
N LYS C 180 7.94 -18.23 -26.28
CA LYS C 180 9.35 -17.89 -26.46
C LYS C 180 9.55 -16.39 -26.58
N ASN C 181 8.69 -15.61 -25.93
CA ASN C 181 8.93 -14.19 -25.81
C ASN C 181 9.98 -13.95 -24.73
N THR C 182 11.08 -13.30 -25.10
CA THR C 182 12.02 -12.84 -24.11
C THR C 182 11.47 -11.60 -23.42
N ALA C 183 12.10 -11.23 -22.30
CA ALA C 183 11.71 -10.01 -21.61
C ALA C 183 11.70 -8.80 -22.55
N LEU C 184 12.62 -8.76 -23.52
CA LEU C 184 12.61 -7.67 -24.49
C LEU C 184 11.37 -7.71 -25.37
N HIS C 185 10.90 -8.91 -25.75
CA HIS C 185 9.64 -9.01 -26.46
C HIS C 185 8.50 -8.43 -25.62
N TRP C 186 8.45 -8.81 -24.34
CA TRP C 186 7.39 -8.33 -23.45
C TRP C 186 7.46 -6.82 -23.28
N ALA C 187 8.65 -6.26 -23.11
CA ALA C 187 8.76 -4.82 -22.97
C ALA C 187 8.29 -4.11 -24.23
N VAL C 188 8.64 -4.64 -25.40
CA VAL C 188 8.23 -4.02 -26.65
C VAL C 188 6.71 -4.09 -26.81
N LEU C 189 6.12 -5.27 -26.61
CA LEU C 189 4.67 -5.42 -26.59
C LEU C 189 4.02 -4.37 -25.70
N ALA C 190 4.54 -4.21 -24.49
CA ALA C 190 3.93 -3.33 -23.49
C ALA C 190 4.24 -1.87 -23.71
N GLY C 191 5.03 -1.51 -24.73
CA GLY C 191 5.49 -0.13 -24.83
C GLY C 191 6.24 0.32 -23.59
N ASN C 192 6.98 -0.59 -22.95
CA ASN C 192 7.66 -0.28 -21.69
C ASN C 192 9.03 0.28 -22.02
N THR C 193 9.04 1.55 -22.43
CA THR C 193 10.29 2.17 -22.91
C THR C 193 11.35 2.29 -21.81
N THR C 194 10.93 2.49 -20.56
CA THR C 194 11.91 2.59 -19.46
C THR C 194 12.78 1.34 -19.36
N VAL C 195 12.17 0.17 -19.57
CA VAL C 195 12.87 -1.10 -19.37
C VAL C 195 13.64 -1.53 -20.61
N ILE C 196 13.23 -1.08 -21.80
CA ILE C 196 13.88 -1.51 -23.03
C ILE C 196 15.37 -1.16 -22.99
N SER C 197 15.68 0.07 -22.59
CA SER C 197 17.06 0.52 -22.48
C SER C 197 17.86 -0.33 -21.49
N LEU C 198 17.28 -0.61 -20.32
CA LEU C 198 17.98 -1.43 -19.33
C LEU C 198 18.34 -2.80 -19.92
N LEU C 199 17.41 -3.41 -20.67
CA LEU C 199 17.63 -4.73 -21.23
C LEU C 199 18.69 -4.72 -22.33
N LEU C 200 18.65 -3.72 -23.23
CA LEU C 200 19.70 -3.60 -24.24
C LEU C 200 21.08 -3.49 -23.61
N GLU C 201 21.21 -2.70 -22.53
CA GLU C 201 22.49 -2.55 -21.88
C GLU C 201 22.93 -3.81 -21.16
N ALA C 202 22.01 -4.73 -20.85
CA ALA C 202 22.37 -6.02 -20.27
C ALA C 202 22.54 -7.11 -21.33
N GLY C 203 22.65 -6.75 -22.60
CA GLY C 203 22.95 -7.71 -23.64
C GLY C 203 21.77 -8.42 -24.26
N ALA C 204 20.57 -7.84 -24.20
CA ALA C 204 19.41 -8.45 -24.82
C ALA C 204 19.55 -8.47 -26.35
N ASN C 205 19.07 -9.55 -26.98
CA ASN C 205 19.14 -9.73 -28.43
C ASN C 205 17.89 -9.15 -29.08
N VAL C 206 18.06 -8.17 -29.96
CA VAL C 206 16.90 -7.65 -30.67
C VAL C 206 16.45 -8.57 -31.82
N ASP C 207 17.29 -9.52 -32.23
CA ASP C 207 16.97 -10.36 -33.40
C ASP C 207 16.45 -11.75 -33.04
N ALA C 208 16.64 -12.22 -31.80
CA ALA C 208 16.12 -13.52 -31.40
C ALA C 208 14.60 -13.58 -31.63
N GLN C 209 14.12 -14.75 -32.02
CA GLN C 209 12.74 -14.90 -32.48
C GLN C 209 11.90 -15.71 -31.50
N ASN C 210 10.65 -15.28 -31.32
CA ASN C 210 9.68 -16.06 -30.55
C ASN C 210 9.11 -17.16 -31.42
N ILE C 211 8.09 -17.85 -30.93
CA ILE C 211 7.55 -19.03 -31.61
C ILE C 211 7.07 -18.69 -33.01
N LYS C 212 6.42 -17.54 -33.18
CA LYS C 212 5.92 -17.13 -34.48
C LYS C 212 6.99 -16.46 -35.34
N GLY C 213 8.27 -16.72 -35.07
CA GLY C 213 9.35 -16.15 -35.84
C GLY C 213 9.49 -14.65 -35.76
N GLU C 214 8.87 -14.01 -34.77
CA GLU C 214 8.96 -12.55 -34.62
C GLU C 214 10.11 -12.21 -33.69
N SER C 215 10.99 -11.31 -34.14
CA SER C 215 11.98 -10.76 -33.24
C SER C 215 11.37 -9.63 -32.43
N ALA C 216 12.16 -9.11 -31.47
CA ALA C 216 11.70 -7.93 -30.73
C ALA C 216 11.66 -6.71 -31.62
N LEU C 217 12.58 -6.62 -32.59
CA LEU C 217 12.53 -5.54 -33.58
C LEU C 217 11.36 -5.73 -34.54
N ASP C 218 11.10 -6.99 -34.94
CA ASP C 218 9.91 -7.31 -35.73
C ASP C 218 8.65 -6.75 -35.07
N LEU C 219 8.51 -6.98 -33.75
CA LEU C 219 7.32 -6.53 -33.03
C LEU C 219 7.24 -5.01 -32.97
N ALA C 220 8.40 -4.35 -32.86
CA ALA C 220 8.40 -2.89 -32.87
C ALA C 220 7.95 -2.36 -34.22
N LYS C 221 8.37 -3.02 -35.30
CA LYS C 221 7.92 -2.64 -36.63
C LYS C 221 6.41 -2.85 -36.81
N GLN C 222 5.85 -3.93 -36.26
CA GLN C 222 4.41 -4.11 -36.37
C GLN C 222 3.64 -2.99 -35.68
N ARG C 223 4.12 -2.55 -34.51
CA ARG C 223 3.45 -1.45 -33.82
C ARG C 223 3.70 -0.11 -34.47
N LYS C 224 4.54 -0.03 -35.49
CA LYS C 224 4.92 1.24 -36.13
C LYS C 224 5.35 2.27 -35.09
N ASN C 225 5.98 1.81 -34.02
CA ASN C 225 6.47 2.70 -32.96
C ASN C 225 7.89 3.13 -33.34
N VAL C 226 8.03 4.38 -33.74
CA VAL C 226 9.28 4.83 -34.34
C VAL C 226 10.38 4.92 -33.30
N TRP C 227 10.07 5.48 -32.12
CA TRP C 227 11.09 5.57 -31.07
C TRP C 227 11.62 4.20 -30.72
N MET C 228 10.76 3.18 -30.74
CA MET C 228 11.18 1.84 -30.36
C MET C 228 12.02 1.20 -31.47
N ILE C 229 11.58 1.31 -32.72
CA ILE C 229 12.38 0.77 -33.82
C ILE C 229 13.76 1.42 -33.83
N ASN C 230 13.82 2.75 -33.63
CA ASN C 230 15.10 3.44 -33.65
C ASN C 230 15.96 3.06 -32.45
N HIS C 231 15.40 3.09 -31.24
CA HIS C 231 16.19 2.77 -30.04
C HIS C 231 16.74 1.34 -30.10
N LEU C 232 15.95 0.38 -30.56
CA LEU C 232 16.46 -0.98 -30.69
C LEU C 232 17.64 -1.03 -31.66
N GLN C 233 17.55 -0.31 -32.77
CA GLN C 233 18.59 -0.38 -33.79
C GLN C 233 19.86 0.32 -33.33
N GLU C 234 19.72 1.46 -32.63
CA GLU C 234 20.84 2.31 -32.25
C GLU C 234 21.50 1.90 -30.93
N ALA C 235 20.76 1.35 -29.98
CA ALA C 235 21.34 1.04 -28.67
C ALA C 235 21.59 -0.45 -28.45
N ARG C 236 21.31 -1.32 -29.43
CA ARG C 236 21.63 -2.74 -29.31
C ARG C 236 23.13 -2.92 -29.04
N GLN C 237 23.46 -3.99 -28.31
CA GLN C 237 24.84 -4.27 -27.96
C GLN C 237 25.32 -5.65 -28.39
N ALA C 238 24.44 -6.48 -28.94
CA ALA C 238 24.81 -7.81 -29.42
C ALA C 238 24.78 -7.87 -30.94
N GLY D 1 -5.71 4.41 3.20
CA GLY D 1 -6.78 3.52 3.61
C GLY D 1 -6.34 2.11 3.95
N VAL D 2 -7.29 1.33 4.47
CA VAL D 2 -7.11 -0.09 4.71
C VAL D 2 -7.57 -0.86 3.47
N VAL D 3 -7.33 -2.16 3.43
CA VAL D 3 -7.72 -3.00 2.29
C VAL D 3 -8.90 -3.86 2.73
N ALA D 4 -10.07 -3.63 2.13
CA ALA D 4 -11.27 -4.40 2.43
C ALA D 4 -11.84 -5.11 1.20
N SER D 5 -11.09 -5.19 0.10
CA SER D 5 -11.47 -5.96 -1.08
C SER D 5 -10.41 -7.01 -1.40
N GLN D 6 -10.84 -8.22 -1.69
CA GLN D 6 -9.89 -9.28 -1.97
C GLN D 6 -9.19 -9.05 -3.31
N PRO D 7 -8.01 -9.65 -3.49
CA PRO D 7 -7.32 -9.56 -4.78
C PRO D 7 -8.16 -10.13 -5.92
N ALA D 8 -8.14 -9.42 -7.06
CA ALA D 8 -8.98 -9.72 -8.20
C ALA D 8 -8.16 -9.71 -9.49
N ARG D 9 -8.69 -10.39 -10.52
CA ARG D 9 -8.08 -10.39 -11.85
C ARG D 9 -7.88 -8.95 -12.32
N VAL D 10 -6.84 -8.73 -13.12
CA VAL D 10 -6.59 -7.39 -13.69
C VAL D 10 -7.69 -7.02 -14.70
#